data_2BX9
#
_entry.id   2BX9
#
_cell.length_a   51.552
_cell.length_b   60.125
_cell.length_c   60.348
_cell.angle_alpha   113.99
_cell.angle_beta   101.37
_cell.angle_gamma   100.50
#
_symmetry.space_group_name_H-M   'P 1'
#
loop_
_entity.id
_entity.type
_entity.pdbx_description
1 polymer 'TRYPTOPHAN RNA-BINDING ATTENUATOR PROTEIN-INHIBITORY PROTEIN'
2 non-polymer 'ZINC ION'
3 water water
#
_entity_poly.entity_id   1
_entity_poly.type   'polypeptide(L)'
_entity_poly.pdbx_seq_one_letter_code
;MVIATDDLEVACPKCERAGEIEGTPCPACSGKGVILTAQGYTLLDFIQKHLNK
;
_entity_poly.pdbx_strand_id   A,B,C,D,E,F,G,H,I,J,K,L
#
loop_
_chem_comp.id
_chem_comp.type
_chem_comp.name
_chem_comp.formula
ZN non-polymer 'ZINC ION' 'Zn 2'
#
# COMPACT_ATOMS: atom_id res chain seq x y z
N MET A 1 -6.45 -5.07 -5.90
CA MET A 1 -6.68 -3.87 -6.75
C MET A 1 -6.46 -2.59 -5.93
N VAL A 2 -5.27 -2.02 -6.08
CA VAL A 2 -4.85 -0.80 -5.38
C VAL A 2 -5.89 0.34 -5.45
N ILE A 3 -6.46 0.56 -6.63
CA ILE A 3 -7.44 1.64 -6.81
C ILE A 3 -8.68 1.13 -7.58
N ALA A 4 -9.80 1.01 -6.88
CA ALA A 4 -11.03 0.49 -7.47
C ALA A 4 -11.93 1.65 -7.91
N THR A 5 -13.01 1.34 -8.62
CA THR A 5 -13.95 2.37 -9.10
C THR A 5 -14.51 3.22 -7.95
N ASP A 6 -14.74 2.56 -6.81
CA ASP A 6 -15.27 3.18 -5.61
C ASP A 6 -14.26 4.12 -4.93
N ASP A 7 -13.01 4.08 -5.37
CA ASP A 7 -11.99 5.03 -4.90
C ASP A 7 -11.93 6.26 -5.82
N LEU A 8 -12.57 6.16 -6.98
CA LEU A 8 -12.55 7.21 -8.01
C LEU A 8 -13.89 7.96 -8.10
N GLU A 9 -14.98 7.21 -7.93
CA GLU A 9 -16.33 7.73 -8.10
C GLU A 9 -17.20 7.39 -6.91
N VAL A 10 -18.10 8.29 -6.54
CA VAL A 10 -19.06 8.04 -5.47
C VAL A 10 -20.48 8.12 -6.06
N ALA A 11 -21.36 7.22 -5.62
CA ALA A 11 -22.77 7.24 -6.02
C ALA A 11 -23.35 8.58 -5.63
N CYS A 12 -24.09 9.21 -6.55
CA CYS A 12 -24.70 10.50 -6.27
C CYS A 12 -25.85 10.35 -5.27
N PRO A 13 -25.82 11.18 -4.21
CA PRO A 13 -26.86 11.14 -3.17
C PRO A 13 -28.25 11.50 -3.71
N LYS A 14 -28.31 12.53 -4.55
CA LYS A 14 -29.57 13.05 -5.09
C LYS A 14 -30.32 12.04 -5.97
N CYS A 15 -29.66 11.54 -7.00
CA CYS A 15 -30.31 10.64 -7.96
C CYS A 15 -30.05 9.15 -7.70
N GLU A 16 -29.31 8.86 -6.63
CA GLU A 16 -28.95 7.50 -6.23
C GLU A 16 -28.50 6.65 -7.43
N ARG A 17 -27.51 7.17 -8.15
CA ARG A 17 -26.83 6.42 -9.20
C ARG A 17 -27.57 6.49 -10.55
N ALA A 18 -28.85 6.88 -10.51
CA ALA A 18 -29.71 6.85 -11.70
C ALA A 18 -29.48 8.02 -12.67
N GLY A 19 -28.82 9.08 -12.22
CA GLY A 19 -28.51 10.24 -13.07
C GLY A 19 -29.71 11.12 -13.40
N GLU A 20 -30.87 10.67 -12.95
CA GLU A 20 -32.17 11.25 -13.31
C GLU A 20 -33.06 11.33 -12.08
N ILE A 21 -33.81 12.42 -11.95
CA ILE A 21 -34.84 12.55 -10.95
C ILE A 21 -36.16 12.74 -11.69
N GLU A 22 -37.07 11.78 -11.51
CA GLU A 22 -38.41 11.82 -12.14
C GLU A 22 -38.38 12.54 -13.50
N GLY A 23 -37.50 12.08 -14.38
CA GLY A 23 -37.33 12.67 -15.72
C GLY A 23 -36.34 13.81 -15.78
N THR A 24 -36.43 14.72 -14.81
CA THR A 24 -35.59 15.91 -14.73
C THR A 24 -34.13 15.50 -14.50
N PRO A 25 -33.25 15.90 -15.42
CA PRO A 25 -31.82 15.57 -15.32
C PRO A 25 -31.23 16.09 -14.02
N CYS A 26 -30.42 15.25 -13.36
CA CYS A 26 -29.93 15.57 -12.03
C CYS A 26 -28.88 16.69 -12.06
N PRO A 27 -29.10 17.78 -11.32
CA PRO A 27 -28.14 18.87 -11.25
C PRO A 27 -26.95 18.62 -10.31
N ALA A 28 -27.11 17.74 -9.33
CA ALA A 28 -26.00 17.42 -8.41
C ALA A 28 -24.79 16.85 -9.18
N CYS A 29 -25.03 15.79 -9.94
CA CYS A 29 -23.97 15.09 -10.66
C CYS A 29 -24.05 15.34 -12.15
N SER A 30 -24.83 16.36 -12.53
CA SER A 30 -25.03 16.74 -13.93
C SER A 30 -25.12 15.54 -14.89
N GLY A 31 -26.14 14.71 -14.71
CA GLY A 31 -26.40 13.60 -15.62
C GLY A 31 -25.66 12.30 -15.36
N LYS A 32 -24.43 12.40 -14.84
CA LYS A 32 -23.55 11.24 -14.75
C LYS A 32 -23.92 10.21 -13.66
N GLY A 33 -24.63 10.63 -12.61
CA GLY A 33 -25.10 9.69 -11.57
C GLY A 33 -24.05 9.39 -10.52
N VAL A 34 -22.91 10.05 -10.65
CA VAL A 34 -21.71 9.76 -9.87
C VAL A 34 -20.96 11.07 -9.63
N ILE A 35 -20.32 11.18 -8.47
CA ILE A 35 -19.47 12.33 -8.15
C ILE A 35 -18.04 11.86 -8.00
N LEU A 36 -17.09 12.61 -8.54
CA LEU A 36 -15.68 12.22 -8.50
C LEU A 36 -15.04 12.47 -7.13
N THR A 37 -14.13 11.59 -6.73
CA THR A 37 -13.37 11.76 -5.48
C THR A 37 -12.16 12.68 -5.74
N ALA A 38 -11.44 13.09 -4.69
CA ALA A 38 -10.18 13.82 -4.89
C ALA A 38 -9.21 12.97 -5.73
N GLN A 39 -9.11 11.69 -5.40
CA GLN A 39 -8.32 10.75 -6.19
C GLN A 39 -8.74 10.70 -7.66
N GLY A 40 -10.05 10.70 -7.92
CA GLY A 40 -10.57 10.56 -9.26
C GLY A 40 -10.29 11.77 -10.12
N TYR A 41 -10.42 12.95 -9.54
CA TYR A 41 -10.11 14.20 -10.22
C TYR A 41 -8.62 14.32 -10.52
N THR A 42 -7.77 13.98 -9.54
CA THR A 42 -6.30 13.92 -9.73
C THR A 42 -5.92 13.20 -11.02
N LEU A 43 -6.37 11.95 -11.17
CA LEU A 43 -6.06 11.14 -12.36
C LEU A 43 -6.70 11.70 -13.65
N LEU A 44 -7.96 12.09 -13.58
CA LEU A 44 -8.65 12.63 -14.74
C LEU A 44 -7.99 13.93 -15.22
N ASP A 45 -7.65 14.81 -14.29
CA ASP A 45 -7.02 16.08 -14.63
C ASP A 45 -5.64 15.92 -15.22
N PHE A 46 -4.86 15.00 -14.65
CA PHE A 46 -3.54 14.66 -15.15
C PHE A 46 -3.61 14.11 -16.57
N ILE A 47 -4.52 13.16 -16.80
CA ILE A 47 -4.73 12.59 -18.13
C ILE A 47 -5.17 13.65 -19.14
N GLN A 48 -6.11 14.50 -18.73
CA GLN A 48 -6.65 15.54 -19.60
C GLN A 48 -5.61 16.57 -20.03
N LYS A 49 -4.67 16.87 -19.15
CA LYS A 49 -3.71 17.90 -19.49
C LYS A 49 -2.48 17.42 -20.25
N HIS A 50 -2.23 16.10 -20.21
CA HIS A 50 -1.07 15.50 -20.87
C HIS A 50 -1.41 14.66 -22.10
N LEU A 51 -2.63 14.14 -22.18
CA LEU A 51 -3.02 13.25 -23.26
C LEU A 51 -2.92 13.92 -24.62
N ASN A 52 -2.30 13.21 -25.58
CA ASN A 52 -2.19 13.66 -26.97
C ASN A 52 -1.21 14.81 -27.20
N LYS A 53 0.04 14.61 -26.77
CA LYS A 53 1.09 15.62 -26.95
C LYS A 53 2.23 15.11 -27.84
N MET B 1 -5.10 10.65 -0.42
CA MET B 1 -5.16 9.91 -1.72
C MET B 1 -3.82 9.23 -2.05
N VAL B 2 -3.93 8.00 -2.54
CA VAL B 2 -2.76 7.15 -2.77
C VAL B 2 -1.83 7.72 -3.84
N ILE B 3 -2.40 8.43 -4.81
CA ILE B 3 -1.61 8.99 -5.89
C ILE B 3 -1.98 10.44 -6.22
N ALA B 4 -1.11 11.33 -5.78
CA ALA B 4 -1.33 12.76 -5.84
C ALA B 4 -0.66 13.33 -7.07
N THR B 5 -1.01 14.57 -7.41
CA THR B 5 -0.45 15.25 -8.58
C THR B 5 1.07 15.22 -8.55
N ASP B 6 1.63 15.43 -7.36
CA ASP B 6 3.08 15.48 -7.16
C ASP B 6 3.77 14.11 -7.26
N ASP B 7 2.98 13.03 -7.24
CA ASP B 7 3.46 11.68 -7.50
C ASP B 7 3.63 11.45 -9.00
N LEU B 8 3.04 12.33 -9.80
CA LEU B 8 2.97 12.17 -11.27
C LEU B 8 3.75 13.26 -12.01
N GLU B 9 3.76 14.45 -11.45
CA GLU B 9 4.35 15.63 -12.06
C GLU B 9 5.40 16.19 -11.11
N VAL B 10 6.55 16.57 -11.64
CA VAL B 10 7.50 17.37 -10.86
C VAL B 10 7.59 18.77 -11.49
N ALA B 11 7.74 19.80 -10.66
CA ALA B 11 7.92 21.19 -11.11
C ALA B 11 9.19 21.33 -11.93
N CYS B 12 9.10 21.95 -13.09
CA CYS B 12 10.24 22.13 -13.99
C CYS B 12 11.24 23.09 -13.36
N PRO B 13 12.49 22.64 -13.16
CA PRO B 13 13.48 23.46 -12.48
C PRO B 13 13.98 24.63 -13.34
N LYS B 14 14.07 24.40 -14.65
CA LYS B 14 14.57 25.40 -15.60
C LYS B 14 13.63 26.60 -15.78
N CYS B 15 12.34 26.34 -15.99
CA CYS B 15 11.36 27.41 -16.23
C CYS B 15 10.50 27.77 -15.01
N GLU B 16 10.59 26.95 -13.96
CA GLU B 16 9.85 27.15 -12.71
C GLU B 16 8.33 27.21 -12.94
N ARG B 17 7.82 26.17 -13.62
CA ARG B 17 6.37 26.01 -13.89
C ARG B 17 5.78 26.96 -14.94
N ALA B 18 6.65 27.70 -15.65
CA ALA B 18 6.21 28.71 -16.62
C ALA B 18 5.98 28.18 -18.04
N GLY B 19 6.80 27.21 -18.47
CA GLY B 19 6.71 26.63 -19.80
C GLY B 19 7.44 27.43 -20.88
N GLU B 20 7.89 28.62 -20.50
CA GLU B 20 8.59 29.51 -21.41
C GLU B 20 9.81 30.09 -20.71
N ILE B 21 10.85 30.33 -21.51
CA ILE B 21 12.04 31.05 -21.06
C ILE B 21 12.28 32.20 -22.04
N GLU B 22 12.05 33.43 -21.55
CA GLU B 22 12.25 34.65 -22.34
C GLU B 22 11.32 34.76 -23.55
N GLY B 23 10.18 34.07 -23.50
CA GLY B 23 9.22 34.08 -24.61
C GLY B 23 9.20 32.77 -25.40
N THR B 24 10.39 32.26 -25.74
CA THR B 24 10.53 31.02 -26.51
C THR B 24 10.15 29.82 -25.63
N PRO B 25 9.52 28.80 -26.24
CA PRO B 25 9.08 27.61 -25.48
C PRO B 25 10.24 26.92 -24.78
N CYS B 26 10.03 26.52 -23.52
CA CYS B 26 11.07 25.93 -22.69
C CYS B 26 11.49 24.54 -23.18
N PRO B 27 12.77 24.38 -23.50
CA PRO B 27 13.30 23.11 -24.04
C PRO B 27 13.27 21.93 -23.06
N ALA B 28 13.61 22.14 -21.79
CA ALA B 28 13.73 21.03 -20.83
C ALA B 28 12.46 20.19 -20.68
N CYS B 29 11.32 20.86 -20.50
CA CYS B 29 10.04 20.19 -20.31
C CYS B 29 9.13 20.26 -21.54
N SER B 30 9.65 20.81 -22.64
CA SER B 30 8.91 20.97 -23.90
C SER B 30 7.51 21.57 -23.72
N GLY B 31 7.45 22.79 -23.17
CA GLY B 31 6.20 23.55 -23.07
C GLY B 31 5.34 23.38 -21.82
N LYS B 32 5.52 22.27 -21.10
CA LYS B 32 4.63 21.90 -19.98
C LYS B 32 4.76 22.72 -18.69
N GLY B 33 6.00 23.07 -18.33
CA GLY B 33 6.31 23.66 -17.03
C GLY B 33 6.43 22.59 -15.95
N VAL B 34 6.41 21.33 -16.38
CA VAL B 34 6.29 20.19 -15.49
C VAL B 34 6.92 18.98 -16.16
N ILE B 35 7.58 18.14 -15.35
CA ILE B 35 8.24 16.94 -15.83
C ILE B 35 7.56 15.70 -15.25
N LEU B 36 7.35 14.68 -16.06
CA LEU B 36 6.63 13.51 -15.57
C LEU B 36 7.53 12.53 -14.85
N THR B 37 6.97 11.90 -13.83
CA THR B 37 7.64 10.83 -13.07
C THR B 37 7.41 9.49 -13.76
N ALA B 38 8.17 8.48 -13.35
CA ALA B 38 7.96 7.12 -13.84
C ALA B 38 6.49 6.72 -13.71
N GLN B 39 5.90 7.06 -12.57
CA GLN B 39 4.50 6.78 -12.29
C GLN B 39 3.59 7.52 -13.26
N GLY B 40 3.93 8.78 -13.56
CA GLY B 40 3.16 9.60 -14.48
C GLY B 40 3.20 9.04 -15.89
N TYR B 41 4.38 8.61 -16.32
CA TYR B 41 4.52 7.98 -17.63
C TYR B 41 3.80 6.62 -17.69
N THR B 42 3.99 5.77 -16.67
CA THR B 42 3.25 4.50 -16.59
C THR B 42 1.75 4.73 -16.87
N LEU B 43 1.13 5.59 -16.07
CA LEU B 43 -0.25 5.93 -16.27
C LEU B 43 -0.58 6.44 -17.68
N LEU B 44 0.17 7.45 -18.13
CA LEU B 44 -0.14 8.16 -19.35
C LEU B 44 0.01 7.25 -20.57
N ASP B 45 1.09 6.47 -20.58
CA ASP B 45 1.36 5.52 -21.68
C ASP B 45 0.29 4.44 -21.77
N PHE B 46 -0.14 3.93 -20.62
CA PHE B 46 -1.19 2.92 -20.61
C PHE B 46 -2.46 3.48 -21.25
N ILE B 47 -2.86 4.68 -20.81
CA ILE B 47 -4.07 5.33 -21.30
C ILE B 47 -3.99 5.61 -22.81
N GLN B 48 -2.85 6.11 -23.26
CA GLN B 48 -2.64 6.41 -24.69
C GLN B 48 -2.65 5.16 -25.56
N LYS B 49 -2.24 4.03 -24.98
CA LYS B 49 -2.15 2.78 -25.69
C LYS B 49 -3.51 2.09 -25.85
N HIS B 50 -4.40 2.26 -24.88
CA HIS B 50 -5.64 1.48 -24.87
C HIS B 50 -6.91 2.29 -25.02
N LEU B 51 -6.80 3.60 -24.82
CA LEU B 51 -7.95 4.50 -24.92
C LEU B 51 -8.62 4.41 -26.29
N ASN B 52 -9.92 4.14 -26.27
CA ASN B 52 -10.75 4.12 -27.48
C ASN B 52 -10.17 3.26 -28.59
N LYS B 53 -9.69 2.07 -28.22
CA LYS B 53 -9.10 1.13 -29.17
C LYS B 53 -9.91 -0.15 -29.25
N MET C 1 6.85 1.65 -6.86
CA MET C 1 5.76 2.56 -7.28
C MET C 1 4.40 1.89 -7.12
N VAL C 2 3.43 2.68 -6.68
CA VAL C 2 2.07 2.20 -6.34
C VAL C 2 1.44 1.30 -7.42
N ILE C 3 1.48 1.76 -8.67
CA ILE C 3 0.84 1.10 -9.81
C ILE C 3 1.84 0.99 -10.96
N ALA C 4 2.31 -0.22 -11.23
CA ALA C 4 3.27 -0.45 -12.28
C ALA C 4 2.60 -0.95 -13.57
N THR C 5 3.36 -1.00 -14.66
CA THR C 5 2.80 -1.42 -15.95
C THR C 5 2.25 -2.83 -15.86
N ASP C 6 3.00 -3.70 -15.20
CA ASP C 6 2.59 -5.08 -15.01
C ASP C 6 1.40 -5.26 -14.06
N ASP C 7 0.96 -4.19 -13.40
CA ASP C 7 -0.27 -4.22 -12.60
C ASP C 7 -1.46 -3.89 -13.47
N LEU C 8 -1.19 -3.35 -14.65
CA LEU C 8 -2.23 -2.96 -15.58
C LEU C 8 -2.37 -3.94 -16.76
N GLU C 9 -1.25 -4.41 -17.29
CA GLU C 9 -1.23 -5.26 -18.48
C GLU C 9 -0.50 -6.56 -18.21
N VAL C 10 -0.95 -7.63 -18.85
CA VAL C 10 -0.28 -8.92 -18.81
C VAL C 10 0.31 -9.14 -20.19
N ALA C 11 1.57 -9.58 -20.25
CA ALA C 11 2.20 -9.94 -21.50
C ALA C 11 1.50 -11.19 -22.02
N CYS C 12 1.03 -11.12 -23.27
CA CYS C 12 0.28 -12.23 -23.87
C CYS C 12 1.15 -13.48 -24.08
N PRO C 13 0.81 -14.59 -23.41
CA PRO C 13 1.63 -15.79 -23.47
C PRO C 13 1.49 -16.60 -24.77
N LYS C 14 0.52 -16.23 -25.61
CA LYS C 14 0.32 -16.90 -26.89
C LYS C 14 1.22 -16.32 -27.99
N CYS C 15 1.66 -15.07 -27.81
CA CYS C 15 2.50 -14.41 -28.83
C CYS C 15 3.76 -13.68 -28.32
N GLU C 16 4.02 -13.77 -27.02
CA GLU C 16 5.26 -13.21 -26.43
C GLU C 16 5.41 -11.69 -26.59
N ARG C 17 4.29 -10.96 -26.54
CA ARG C 17 4.26 -9.48 -26.55
C ARG C 17 4.36 -8.86 -27.96
N ALA C 18 4.38 -9.71 -28.99
CA ALA C 18 4.64 -9.28 -30.38
C ALA C 18 3.41 -8.72 -31.11
N GLY C 19 2.22 -9.24 -30.80
CA GLY C 19 0.98 -8.74 -31.39
C GLY C 19 0.47 -9.59 -32.54
N GLU C 20 1.37 -9.97 -33.44
CA GLU C 20 1.03 -10.77 -34.61
C GLU C 20 1.61 -12.18 -34.47
N ILE C 21 0.85 -13.19 -34.90
CA ILE C 21 1.33 -14.57 -34.95
C ILE C 21 1.50 -15.01 -36.40
N GLU C 22 2.74 -15.24 -36.80
CA GLU C 22 3.03 -15.67 -38.17
C GLU C 22 2.37 -14.75 -39.20
N GLY C 23 2.35 -13.45 -38.89
CA GLY C 23 1.77 -12.45 -39.78
C GLY C 23 0.33 -12.07 -39.49
N THR C 24 -0.39 -12.96 -38.80
CA THR C 24 -1.83 -12.78 -38.51
C THR C 24 -2.09 -12.21 -37.10
N PRO C 25 -3.09 -11.33 -36.96
CA PRO C 25 -3.49 -10.81 -35.65
C PRO C 25 -3.77 -11.94 -34.64
N CYS C 26 -3.17 -11.85 -33.46
CA CYS C 26 -3.24 -12.89 -32.44
C CYS C 26 -4.61 -12.98 -31.72
N PRO C 27 -5.22 -14.16 -31.72
CA PRO C 27 -6.57 -14.36 -31.16
C PRO C 27 -6.73 -14.07 -29.67
N ALA C 28 -5.64 -14.23 -28.90
CA ALA C 28 -5.67 -13.94 -27.46
C ALA C 28 -5.69 -12.44 -27.19
N CYS C 29 -4.59 -11.75 -27.44
CA CYS C 29 -4.49 -10.34 -27.16
C CYS C 29 -5.13 -9.45 -28.25
N SER C 30 -5.72 -10.09 -29.26
CA SER C 30 -6.35 -9.39 -30.39
C SER C 30 -5.47 -8.34 -31.07
N GLY C 31 -4.20 -8.69 -31.29
CA GLY C 31 -3.25 -7.81 -31.96
C GLY C 31 -2.46 -6.89 -31.05
N LYS C 32 -2.95 -6.70 -29.82
CA LYS C 32 -2.36 -5.73 -28.88
C LYS C 32 -1.04 -6.19 -28.25
N GLY C 33 -0.87 -7.50 -28.10
CA GLY C 33 0.36 -8.10 -27.52
C GLY C 33 0.27 -8.22 -26.02
N VAL C 34 -0.87 -7.78 -25.47
CA VAL C 34 -1.01 -7.53 -24.06
C VAL C 34 -2.49 -7.67 -23.65
N ILE C 35 -2.73 -8.25 -22.48
CA ILE C 35 -4.10 -8.46 -21.98
C ILE C 35 -4.31 -7.67 -20.69
N LEU C 36 -5.41 -6.94 -20.60
CA LEU C 36 -5.62 -6.03 -19.48
C LEU C 36 -6.10 -6.74 -18.21
N THR C 37 -5.62 -6.25 -17.07
CA THR C 37 -6.03 -6.75 -15.76
C THR C 37 -7.27 -6.00 -15.29
N ALA C 38 -7.92 -6.51 -14.25
CA ALA C 38 -9.07 -5.80 -13.67
C ALA C 38 -8.67 -4.38 -13.30
N GLN C 39 -7.48 -4.23 -12.74
CA GLN C 39 -6.98 -2.91 -12.36
C GLN C 39 -6.92 -2.01 -13.57
N GLY C 40 -6.37 -2.54 -14.68
CA GLY C 40 -6.19 -1.80 -15.92
C GLY C 40 -7.51 -1.39 -16.55
N TYR C 41 -8.47 -2.31 -16.58
CA TYR C 41 -9.81 -2.02 -17.06
C TYR C 41 -10.49 -0.93 -16.22
N THR C 42 -10.31 -0.99 -14.90
CA THR C 42 -10.92 0.01 -14.02
C THR C 42 -10.45 1.45 -14.35
N LEU C 43 -9.13 1.64 -14.50
CA LEU C 43 -8.58 2.95 -14.91
C LEU C 43 -9.12 3.36 -16.27
N LEU C 44 -8.99 2.47 -17.24
CA LEU C 44 -9.36 2.74 -18.63
C LEU C 44 -10.83 3.13 -18.72
N ASP C 45 -11.67 2.41 -17.97
CA ASP C 45 -13.11 2.63 -18.04
C ASP C 45 -13.46 3.93 -17.39
N PHE C 46 -12.76 4.25 -16.32
CA PHE C 46 -12.97 5.52 -15.62
C PHE C 46 -12.61 6.69 -16.53
N ILE C 47 -11.47 6.60 -17.19
CA ILE C 47 -11.01 7.67 -18.09
C ILE C 47 -11.91 7.79 -19.33
N GLN C 48 -12.17 6.69 -20.01
CA GLN C 48 -13.07 6.72 -21.17
C GLN C 48 -14.48 7.21 -20.86
N LYS C 49 -14.94 7.03 -19.63
CA LYS C 49 -16.29 7.42 -19.23
C LYS C 49 -16.35 8.91 -18.88
N HIS C 50 -15.28 9.45 -18.30
CA HIS C 50 -15.29 10.83 -17.80
C HIS C 50 -14.49 11.84 -18.62
N LEU C 51 -13.55 11.35 -19.42
CA LEU C 51 -12.66 12.24 -20.18
C LEU C 51 -13.42 13.11 -21.19
N ASN C 52 -13.16 14.42 -21.09
CA ASN C 52 -13.74 15.43 -21.98
C ASN C 52 -15.27 15.44 -22.03
N LYS C 53 -15.90 15.17 -20.89
CA LYS C 53 -17.36 15.15 -20.81
C LYS C 53 -17.92 16.27 -19.91
N MET D 1 8.75 -4.04 -3.67
CA MET D 1 9.42 -2.80 -3.18
C MET D 1 8.47 -1.61 -3.21
N VAL D 2 7.99 -1.26 -2.01
CA VAL D 2 7.13 -0.11 -1.73
C VAL D 2 7.63 1.19 -2.36
N ILE D 3 8.89 1.53 -2.11
CA ILE D 3 9.44 2.77 -2.64
C ILE D 3 10.76 2.54 -3.38
N ALA D 4 10.74 2.81 -4.68
CA ALA D 4 11.85 2.51 -5.57
C ALA D 4 12.64 3.76 -5.91
N THR D 5 13.81 3.63 -6.53
CA THR D 5 14.58 4.80 -6.91
C THR D 5 13.75 5.80 -7.71
N ASP D 6 12.96 5.30 -8.67
CA ASP D 6 12.12 6.18 -9.50
C ASP D 6 10.91 6.76 -8.75
N ASP D 7 10.69 6.34 -7.51
CA ASP D 7 9.76 7.03 -6.63
C ASP D 7 10.42 8.24 -6.02
N LEU D 8 11.75 8.20 -5.93
CA LEU D 8 12.55 9.19 -5.22
C LEU D 8 13.21 10.27 -6.07
N GLU D 9 13.69 9.91 -7.26
CA GLU D 9 14.35 10.85 -8.16
C GLU D 9 13.79 10.70 -9.54
N VAL D 10 13.71 11.80 -10.28
CA VAL D 10 13.48 11.78 -11.73
C VAL D 10 14.81 12.09 -12.49
N ALA D 11 15.03 11.44 -13.62
CA ALA D 11 16.16 11.78 -14.48
C ALA D 11 16.06 13.25 -14.91
N CYS D 12 17.16 13.98 -14.73
CA CYS D 12 17.25 15.39 -15.16
C CYS D 12 16.90 15.57 -16.64
N PRO D 13 16.04 16.54 -16.94
CA PRO D 13 15.65 16.86 -18.30
C PRO D 13 16.72 17.69 -19.02
N LYS D 14 17.27 18.67 -18.31
CA LYS D 14 18.32 19.56 -18.79
C LYS D 14 19.56 18.81 -19.29
N CYS D 15 20.20 18.05 -18.40
CA CYS D 15 21.44 17.36 -18.72
C CYS D 15 21.25 15.88 -18.98
N GLU D 16 20.00 15.42 -18.91
CA GLU D 16 19.66 14.03 -19.22
C GLU D 16 20.67 13.07 -18.55
N ARG D 17 20.90 13.33 -17.26
CA ARG D 17 21.62 12.40 -16.37
C ARG D 17 23.15 12.57 -16.32
N ALA D 18 23.68 13.43 -17.19
CA ALA D 18 25.13 13.56 -17.34
C ALA D 18 25.76 14.35 -16.21
N GLY D 19 24.95 15.15 -15.51
CA GLY D 19 25.46 15.99 -14.42
C GLY D 19 26.21 17.23 -14.89
N GLU D 20 26.51 17.31 -16.17
CA GLU D 20 27.12 18.51 -16.70
C GLU D 20 26.60 18.81 -18.10
N ILE D 21 26.22 20.06 -18.32
CA ILE D 21 25.87 20.52 -19.66
C ILE D 21 27.10 21.17 -20.30
N GLU D 22 27.80 20.37 -21.11
CA GLU D 22 28.93 20.80 -21.97
C GLU D 22 30.13 21.43 -21.23
N GLY D 23 30.69 20.67 -20.29
CA GLY D 23 31.83 21.13 -19.49
C GLY D 23 31.44 21.69 -18.13
N THR D 24 30.36 22.46 -18.11
CA THR D 24 29.86 23.09 -16.88
C THR D 24 28.90 22.16 -16.12
N PRO D 25 29.08 22.02 -14.80
CA PRO D 25 28.11 21.28 -13.98
C PRO D 25 26.71 21.88 -14.09
N CYS D 26 25.72 21.00 -14.18
CA CYS D 26 24.36 21.36 -14.54
C CYS D 26 23.62 22.00 -13.38
N PRO D 27 23.11 23.22 -13.57
CA PRO D 27 22.45 24.00 -12.51
C PRO D 27 21.08 23.48 -12.07
N ALA D 28 20.33 22.82 -12.96
CA ALA D 28 19.03 22.28 -12.57
C ALA D 28 19.17 21.24 -11.46
N CYS D 29 20.18 20.39 -11.55
CA CYS D 29 20.32 19.25 -10.63
C CYS D 29 21.54 19.30 -9.68
N SER D 30 22.27 20.40 -9.67
CA SER D 30 23.45 20.55 -8.82
C SER D 30 24.50 19.46 -9.12
N GLY D 31 24.63 19.11 -10.40
CA GLY D 31 25.63 18.15 -10.82
C GLY D 31 25.22 16.72 -10.55
N LYS D 32 24.02 16.53 -10.00
CA LYS D 32 23.56 15.17 -9.70
C LYS D 32 23.03 14.39 -10.90
N GLY D 33 22.46 15.07 -11.89
CA GLY D 33 21.91 14.38 -13.05
C GLY D 33 20.50 13.87 -12.80
N VAL D 34 19.91 14.36 -11.71
CA VAL D 34 18.69 13.79 -11.14
C VAL D 34 17.97 14.85 -10.28
N ILE D 35 16.64 14.83 -10.31
CA ILE D 35 15.83 15.82 -9.62
C ILE D 35 14.94 15.06 -8.64
N LEU D 36 14.72 15.61 -7.45
CA LEU D 36 14.00 14.88 -6.43
C LEU D 36 12.51 14.98 -6.64
N THR D 37 11.80 13.92 -6.30
CA THR D 37 10.34 13.99 -6.21
C THR D 37 9.91 14.49 -4.84
N ALA D 38 8.62 14.83 -4.70
CA ALA D 38 8.04 15.20 -3.41
C ALA D 38 8.38 14.15 -2.33
N GLN D 39 8.28 12.89 -2.70
CA GLN D 39 8.52 11.79 -1.80
C GLN D 39 9.97 11.76 -1.39
N GLY D 40 10.87 11.98 -2.35
CA GLY D 40 12.31 11.99 -2.10
C GLY D 40 12.76 13.12 -1.19
N TYR D 41 12.23 14.32 -1.45
CA TYR D 41 12.38 15.48 -0.58
C TYR D 41 11.92 15.20 0.85
N THR D 42 10.72 14.63 0.97
CA THR D 42 10.15 14.29 2.26
C THR D 42 11.11 13.44 3.09
N LEU D 43 11.61 12.36 2.49
CA LEU D 43 12.55 11.46 3.14
C LEU D 43 13.87 12.14 3.49
N LEU D 44 14.39 12.93 2.57
CA LEU D 44 15.69 13.53 2.73
C LEU D 44 15.62 14.62 3.79
N ASP D 45 14.54 15.40 3.77
CA ASP D 45 14.36 16.43 4.78
C ASP D 45 14.27 15.87 6.20
N PHE D 46 13.46 14.83 6.38
CA PHE D 46 13.36 14.15 7.65
C PHE D 46 14.74 13.71 8.16
N ILE D 47 15.48 12.95 7.34
CA ILE D 47 16.80 12.45 7.73
C ILE D 47 17.75 13.58 8.09
N GLN D 48 17.81 14.60 7.23
CA GLN D 48 18.64 15.77 7.48
C GLN D 48 18.36 16.44 8.81
N LYS D 49 17.09 16.59 9.16
CA LYS D 49 16.77 17.31 10.38
C LYS D 49 16.88 16.45 11.63
N HIS D 50 16.91 15.13 11.50
CA HIS D 50 16.90 14.29 12.69
C HIS D 50 18.18 13.50 12.89
N LEU D 51 18.95 13.34 11.82
CA LEU D 51 20.13 12.51 11.86
C LEU D 51 21.16 13.02 12.84
N ASN D 52 21.55 12.16 13.79
CA ASN D 52 22.59 12.45 14.79
C ASN D 52 22.37 13.68 15.67
N LYS D 53 21.10 14.01 15.94
CA LYS D 53 20.77 15.17 16.79
C LYS D 53 19.74 14.80 17.86
N MET E 1 1.84 11.10 -1.36
CA MET E 1 2.67 9.88 -1.57
C MET E 1 2.43 8.82 -0.49
N VAL E 2 3.19 7.73 -0.60
CA VAL E 2 3.13 6.57 0.28
C VAL E 2 3.41 6.96 1.73
N ILE E 3 4.52 7.64 1.98
CA ILE E 3 4.90 8.09 3.33
C ILE E 3 5.21 9.60 3.39
N ALA E 4 4.36 10.36 4.07
CA ALA E 4 4.54 11.80 4.14
C ALA E 4 5.22 12.20 5.44
N THR E 5 5.43 13.49 5.64
CA THR E 5 6.06 14.00 6.85
C THR E 5 5.25 13.64 8.09
N ASP E 6 3.93 13.77 7.94
CA ASP E 6 3.00 13.51 9.03
C ASP E 6 2.95 12.05 9.48
N ASP E 7 3.48 11.15 8.64
CA ASP E 7 3.65 9.73 8.96
C ASP E 7 4.92 9.48 9.74
N LEU E 8 5.82 10.46 9.69
CA LEU E 8 7.16 10.37 10.28
C LEU E 8 7.31 11.20 11.57
N GLU E 9 6.65 12.35 11.65
CA GLU E 9 6.77 13.23 12.82
C GLU E 9 5.41 13.71 13.26
N VAL E 10 5.25 13.88 14.57
CA VAL E 10 4.09 14.53 15.14
C VAL E 10 4.50 15.91 15.70
N ALA E 11 3.60 16.88 15.63
CA ALA E 11 3.81 18.19 16.26
C ALA E 11 3.80 18.04 17.76
N CYS E 12 4.86 18.52 18.42
CA CYS E 12 5.00 18.41 19.87
C CYS E 12 3.96 19.27 20.58
N PRO E 13 3.34 18.73 21.64
CA PRO E 13 2.25 19.42 22.35
C PRO E 13 2.68 20.54 23.30
N LYS E 14 3.80 20.34 23.99
CA LYS E 14 4.36 21.30 24.93
C LYS E 14 4.68 22.65 24.24
N CYS E 15 5.57 22.64 23.23
CA CYS E 15 6.01 23.85 22.56
C CYS E 15 5.21 24.21 21.30
N GLU E 16 4.29 23.32 20.91
CA GLU E 16 3.40 23.53 19.77
C GLU E 16 4.16 23.68 18.44
N ARG E 17 5.33 23.06 18.34
CA ARG E 17 6.13 23.04 17.10
C ARG E 17 7.26 24.08 17.05
N ALA E 18 7.28 25.01 18.00
CA ALA E 18 8.27 26.09 18.02
C ALA E 18 9.63 25.61 18.51
N GLY E 19 9.65 24.48 19.21
CA GLY E 19 10.89 23.89 19.74
C GLY E 19 11.51 24.60 20.94
N GLU E 20 10.86 25.68 21.38
CA GLU E 20 11.45 26.55 22.37
C GLU E 20 10.40 27.06 23.33
N ILE E 21 10.73 27.01 24.62
CA ILE E 21 9.89 27.51 25.68
C ILE E 21 10.44 28.88 26.08
N GLU E 22 10.00 29.90 25.35
CA GLU E 22 10.53 31.27 25.42
C GLU E 22 12.02 31.36 25.74
N GLY E 23 12.83 30.93 24.79
CA GLY E 23 14.28 30.93 24.96
C GLY E 23 14.87 29.56 25.21
N THR E 24 14.28 28.81 26.14
CA THR E 24 14.85 27.53 26.60
C THR E 24 14.44 26.38 25.70
N PRO E 25 15.44 25.63 25.21
CA PRO E 25 15.19 24.39 24.47
C PRO E 25 14.12 23.54 25.14
N CYS E 26 13.06 23.27 24.38
CA CYS E 26 11.89 22.55 24.89
C CYS E 26 12.27 21.15 25.38
N PRO E 27 11.88 20.79 26.62
CA PRO E 27 12.32 19.54 27.22
C PRO E 27 11.59 18.29 26.73
N ALA E 28 10.46 18.44 26.04
CA ALA E 28 9.66 17.30 25.58
C ALA E 28 10.24 16.73 24.28
N CYS E 29 10.29 17.57 23.25
CA CYS E 29 10.80 17.20 21.93
C CYS E 29 12.28 17.50 21.80
N SER E 30 12.91 17.95 22.90
CA SER E 30 14.35 18.20 22.95
C SER E 30 14.85 19.17 21.86
N GLY E 31 14.15 20.29 21.69
CA GLY E 31 14.55 21.28 20.69
C GLY E 31 13.90 21.13 19.32
N LYS E 32 13.65 19.89 18.89
CA LYS E 32 13.16 19.62 17.53
C LYS E 32 11.80 20.24 17.18
N GLY E 33 10.93 20.47 18.17
CA GLY E 33 9.58 20.99 17.94
C GLY E 33 8.64 19.91 17.43
N VAL E 34 9.13 18.66 17.50
CA VAL E 34 8.51 17.54 16.81
C VAL E 34 8.87 16.21 17.52
N ILE E 35 7.98 15.23 17.45
CA ILE E 35 8.24 13.91 18.04
C ILE E 35 8.10 12.83 16.96
N LEU E 36 9.02 11.87 16.95
CA LEU E 36 9.01 10.84 15.91
C LEU E 36 8.00 9.74 16.17
N THR E 37 7.48 9.20 15.08
CA THR E 37 6.52 8.09 15.12
C THR E 37 7.28 6.76 15.01
N ALA E 38 6.57 5.64 15.17
CA ALA E 38 7.20 4.34 15.01
C ALA E 38 7.88 4.30 13.66
N GLN E 39 7.19 4.81 12.65
CA GLN E 39 7.67 4.74 11.29
C GLN E 39 8.90 5.60 11.09
N GLY E 40 8.94 6.75 11.76
CA GLY E 40 10.01 7.71 11.57
C GLY E 40 11.25 7.22 12.29
N TYR E 41 11.04 6.57 13.43
CA TYR E 41 12.13 5.99 14.20
C TYR E 41 12.76 4.83 13.43
N THR E 42 11.92 3.99 12.82
CA THR E 42 12.36 2.88 12.00
C THR E 42 13.31 3.31 10.86
N LEU E 43 12.86 4.28 10.05
CA LEU E 43 13.68 4.83 8.98
C LEU E 43 15.01 5.39 9.50
N LEU E 44 14.96 6.16 10.59
CA LEU E 44 16.10 6.92 11.08
C LEU E 44 17.12 6.00 11.73
N ASP E 45 16.63 4.95 12.40
CA ASP E 45 17.50 3.93 12.99
C ASP E 45 18.25 3.17 11.93
N PHE E 46 17.54 2.76 10.88
CA PHE E 46 18.12 2.05 9.76
C PHE E 46 19.24 2.85 9.11
N ILE E 47 18.98 4.14 8.83
CA ILE E 47 19.94 5.01 8.18
C ILE E 47 21.16 5.25 9.06
N GLN E 48 20.96 5.53 10.35
CA GLN E 48 22.07 5.74 11.29
C GLN E 48 22.89 4.49 11.49
N LYS E 49 22.22 3.34 11.46
CA LYS E 49 22.84 2.04 11.64
C LYS E 49 23.73 1.62 10.46
N HIS E 50 23.35 1.98 9.24
CA HIS E 50 23.99 1.47 8.03
C HIS E 50 24.65 2.51 7.14
N LEU E 51 24.30 3.78 7.31
CA LEU E 51 24.89 4.85 6.49
C LEU E 51 26.41 4.91 6.67
N ASN E 52 27.14 4.89 5.56
CA ASN E 52 28.60 4.94 5.56
C ASN E 52 29.25 3.92 6.51
N LYS E 53 28.51 2.86 6.83
CA LYS E 53 28.98 1.80 7.70
C LYS E 53 29.48 0.58 6.92
N MET F 1 1.95 -0.14 9.11
CA MET F 1 3.21 0.63 8.89
C MET F 1 3.79 0.31 7.51
N VAL F 2 3.75 1.28 6.59
CA VAL F 2 4.06 0.98 5.19
C VAL F 2 5.39 0.23 5.01
N ILE F 3 6.41 0.65 5.76
CA ILE F 3 7.76 0.13 5.57
C ILE F 3 8.48 -0.14 6.93
N ALA F 4 8.46 -1.40 7.34
CA ALA F 4 8.95 -1.82 8.66
C ALA F 4 10.42 -2.25 8.66
N THR F 5 11.00 -2.49 9.84
CA THR F 5 12.41 -2.92 9.93
C THR F 5 12.67 -4.18 9.10
N ASP F 6 11.73 -5.12 9.18
CA ASP F 6 11.83 -6.40 8.48
C ASP F 6 11.78 -6.26 6.95
N ASP F 7 11.33 -5.10 6.47
CA ASP F 7 11.35 -4.80 5.05
C ASP F 7 12.70 -4.26 4.60
N LEU F 8 13.51 -3.81 5.55
CA LEU F 8 14.80 -3.23 5.25
C LEU F 8 15.94 -4.22 5.50
N GLU F 9 15.84 -5.01 6.56
CA GLU F 9 16.89 -5.97 6.93
C GLU F 9 16.32 -7.34 7.19
N VAL F 10 17.11 -8.35 6.86
CA VAL F 10 16.80 -9.73 7.19
C VAL F 10 17.71 -10.10 8.36
N ALA F 11 17.13 -10.63 9.44
CA ALA F 11 17.95 -11.22 10.50
C ALA F 11 18.74 -12.35 9.86
N CYS F 12 20.07 -12.32 10.00
CA CYS F 12 20.86 -13.42 9.47
C CYS F 12 20.44 -14.71 10.17
N PRO F 13 20.01 -15.73 9.43
CA PRO F 13 19.44 -16.91 10.07
C PRO F 13 20.49 -17.84 10.67
N LYS F 14 21.78 -17.61 10.38
CA LYS F 14 22.81 -18.45 10.96
C LYS F 14 23.04 -18.12 12.42
N CYS F 15 23.26 -16.84 12.73
CA CYS F 15 23.59 -16.46 14.09
C CYS F 15 22.41 -15.87 14.82
N GLU F 16 21.26 -15.89 14.17
CA GLU F 16 20.00 -15.37 14.75
C GLU F 16 20.17 -13.94 15.30
N ARG F 17 20.82 -13.10 14.52
CA ARG F 17 21.03 -11.67 14.81
C ARG F 17 22.23 -11.33 15.73
N ALA F 18 22.79 -12.32 16.39
CA ALA F 18 23.93 -12.11 17.28
C ALA F 18 25.11 -11.40 16.59
N GLY F 19 25.51 -11.90 15.43
CA GLY F 19 26.70 -11.39 14.74
C GLY F 19 27.90 -12.28 14.99
N GLU F 20 27.80 -13.14 15.99
CA GLU F 20 28.86 -14.07 16.34
C GLU F 20 28.32 -15.49 16.61
N ILE F 21 29.10 -16.49 16.23
CA ILE F 21 28.83 -17.87 16.63
C ILE F 21 30.02 -18.43 17.39
N GLU F 22 29.82 -18.64 18.69
CA GLU F 22 30.82 -19.14 19.65
C GLU F 22 32.07 -18.24 19.79
N GLY F 23 31.87 -16.93 19.54
CA GLY F 23 32.97 -15.95 19.60
C GLY F 23 33.44 -15.43 18.26
N THR F 24 33.47 -16.31 17.26
CA THR F 24 33.93 -15.98 15.90
C THR F 24 32.83 -15.30 15.08
N PRO F 25 33.01 -14.03 14.72
CA PRO F 25 32.05 -13.32 13.89
C PRO F 25 31.46 -14.21 12.79
N CYS F 26 30.13 -14.21 12.71
CA CYS F 26 29.37 -15.19 11.94
C CYS F 26 29.66 -15.19 10.43
N PRO F 27 29.98 -16.38 9.93
CA PRO F 27 30.46 -16.59 8.56
C PRO F 27 29.46 -16.33 7.42
N ALA F 28 28.25 -15.85 7.73
CA ALA F 28 27.30 -15.51 6.68
C ALA F 28 27.16 -14.01 6.52
N CYS F 29 26.46 -13.38 7.48
CA CYS F 29 26.24 -11.94 7.56
C CYS F 29 27.54 -11.18 7.80
N SER F 30 28.50 -11.91 8.39
CA SER F 30 29.84 -11.40 8.72
C SER F 30 29.83 -10.16 9.61
N GLY F 31 29.30 -10.34 10.83
CA GLY F 31 29.29 -9.30 11.84
C GLY F 31 27.96 -8.58 11.97
N LYS F 32 27.49 -8.00 10.86
CA LYS F 32 26.34 -7.08 10.86
C LYS F 32 25.12 -7.65 11.59
N GLY F 33 25.05 -8.98 11.66
CA GLY F 33 23.96 -9.70 12.32
C GLY F 33 22.72 -9.68 11.45
N VAL F 34 22.81 -8.91 10.37
CA VAL F 34 21.68 -8.53 9.56
C VAL F 34 22.13 -8.39 8.11
N ILE F 35 21.24 -8.73 7.19
CA ILE F 35 21.53 -8.61 5.77
C ILE F 35 20.46 -7.78 5.08
N LEU F 36 20.88 -6.78 4.34
CA LEU F 36 19.97 -5.79 3.79
C LEU F 36 19.11 -6.32 2.64
N THR F 37 17.89 -5.78 2.51
CA THR F 37 17.00 -6.17 1.40
C THR F 37 17.23 -5.23 0.23
N ALA F 38 16.68 -5.57 -0.94
CA ALA F 38 16.69 -4.64 -2.08
C ALA F 38 16.13 -3.28 -1.69
N GLN F 39 15.05 -3.28 -0.89
CA GLN F 39 14.40 -2.05 -0.46
C GLN F 39 15.31 -1.27 0.48
N GLY F 40 16.00 -1.99 1.37
CA GLY F 40 16.89 -1.31 2.30
C GLY F 40 18.05 -0.65 1.60
N TYR F 41 18.59 -1.30 0.59
CA TYR F 41 19.69 -0.72 -0.21
C TYR F 41 19.26 0.51 -0.99
N THR F 42 18.08 0.44 -1.60
CA THR F 42 17.52 1.58 -2.29
C THR F 42 17.53 2.85 -1.42
N LEU F 43 16.96 2.75 -0.21
CA LEU F 43 16.87 3.88 0.71
C LEU F 43 18.24 4.38 1.12
N LEU F 44 19.14 3.43 1.43
CA LEU F 44 20.44 3.76 1.94
C LEU F 44 21.25 4.40 0.83
N ASP F 45 21.18 3.82 -0.37
CA ASP F 45 21.84 4.35 -1.55
C ASP F 45 21.39 5.77 -1.90
N PHE F 46 20.07 5.98 -1.86
CA PHE F 46 19.46 7.30 -2.06
C PHE F 46 19.99 8.34 -1.09
N ILE F 47 19.95 8.03 0.22
CA ILE F 47 20.50 8.94 1.23
C ILE F 47 22.01 9.16 1.10
N GLN F 48 22.78 8.07 0.99
CA GLN F 48 24.24 8.19 0.79
C GLN F 48 24.58 9.12 -0.36
N LYS F 49 23.77 9.06 -1.42
CA LYS F 49 24.02 9.80 -2.64
C LYS F 49 23.72 11.27 -2.46
N HIS F 50 22.59 11.58 -1.84
CA HIS F 50 22.05 12.94 -1.78
C HIS F 50 22.34 13.67 -0.50
N LEU F 51 22.50 12.95 0.61
CA LEU F 51 22.73 13.64 1.90
C LEU F 51 23.91 14.61 1.83
N ASN F 52 23.70 15.75 2.48
CA ASN F 52 24.73 16.78 2.65
C ASN F 52 25.46 17.20 1.37
N LYS F 53 24.69 17.40 0.28
CA LYS F 53 25.22 18.02 -0.97
C LYS F 53 24.17 18.76 -1.83
N MET G 1 -10.29 -0.94 -2.79
CA MET G 1 -10.55 -0.42 -1.41
C MET G 1 -9.52 -0.97 -0.41
N VAL G 2 -8.74 -0.05 0.15
CA VAL G 2 -7.65 -0.34 1.08
C VAL G 2 -8.04 -1.32 2.21
N ILE G 3 -9.13 -1.09 2.94
CA ILE G 3 -9.58 -2.09 3.93
C ILE G 3 -11.08 -2.41 3.88
N ALA G 4 -11.42 -3.66 3.59
CA ALA G 4 -12.82 -4.04 3.39
C ALA G 4 -13.36 -4.76 4.62
N THR G 5 -14.62 -5.14 4.59
CA THR G 5 -15.23 -5.80 5.74
C THR G 5 -14.52 -7.12 6.03
N ASP G 6 -14.17 -7.83 4.95
CA ASP G 6 -13.41 -9.09 5.00
C ASP G 6 -12.06 -8.96 5.68
N ASP G 7 -11.50 -7.75 5.70
CA ASP G 7 -10.26 -7.45 6.42
C ASP G 7 -10.48 -7.19 7.91
N LEU G 8 -11.73 -6.98 8.29
CA LEU G 8 -12.09 -6.57 9.63
C LEU G 8 -12.80 -7.69 10.40
N GLU G 9 -13.69 -8.41 9.72
CA GLU G 9 -14.46 -9.50 10.30
C GLU G 9 -14.36 -10.76 9.43
N VAL G 10 -14.26 -11.92 10.08
CA VAL G 10 -14.38 -13.22 9.44
C VAL G 10 -15.73 -13.86 9.82
N ALA G 11 -16.32 -14.63 8.90
CA ALA G 11 -17.56 -15.36 9.22
C ALA G 11 -17.36 -16.36 10.35
N CYS G 12 -18.29 -16.39 11.31
CA CYS G 12 -18.17 -17.35 12.39
C CYS G 12 -18.34 -18.81 11.91
N PRO G 13 -17.40 -19.67 12.29
CA PRO G 13 -17.38 -21.06 11.85
C PRO G 13 -18.38 -21.96 12.58
N LYS G 14 -18.61 -21.65 13.86
CA LYS G 14 -19.55 -22.41 14.69
C LYS G 14 -21.01 -22.18 14.28
N CYS G 15 -21.41 -20.91 14.11
CA CYS G 15 -22.80 -20.59 13.75
C CYS G 15 -23.00 -20.22 12.27
N GLU G 16 -21.91 -20.01 11.53
CA GLU G 16 -21.92 -19.64 10.11
C GLU G 16 -22.81 -18.43 9.86
N ARG G 17 -22.50 -17.36 10.59
CA ARG G 17 -23.12 -16.03 10.46
C ARG G 17 -24.47 -15.84 11.16
N ALA G 18 -25.07 -16.92 11.64
CA ALA G 18 -26.40 -16.87 12.27
C ALA G 18 -26.42 -16.16 13.61
N GLY G 19 -25.32 -16.25 14.35
CA GLY G 19 -25.26 -15.71 15.71
C GLY G 19 -26.08 -16.47 16.73
N GLU G 20 -26.59 -17.64 16.34
CA GLU G 20 -27.46 -18.46 17.19
C GLU G 20 -27.20 -19.95 16.92
N ILE G 21 -26.99 -20.72 17.99
CA ILE G 21 -26.88 -22.19 17.91
C ILE G 21 -28.07 -22.84 18.62
N GLU G 22 -28.99 -23.41 17.85
CA GLU G 22 -30.17 -24.09 18.40
C GLU G 22 -30.99 -23.25 19.39
N GLY G 23 -31.28 -22.00 19.04
CA GLY G 23 -32.11 -21.13 19.90
C GLY G 23 -31.35 -20.17 20.80
N THR G 24 -30.25 -20.63 21.41
CA THR G 24 -29.47 -19.82 22.33
C THR G 24 -28.30 -19.15 21.62
N PRO G 25 -27.98 -17.90 21.99
CA PRO G 25 -26.91 -17.16 21.33
C PRO G 25 -25.59 -17.92 21.32
N CYS G 26 -24.78 -17.63 20.31
CA CYS G 26 -23.58 -18.40 20.01
C CYS G 26 -22.40 -18.03 20.91
N PRO G 27 -21.97 -18.97 21.77
CA PRO G 27 -20.91 -18.70 22.75
C PRO G 27 -19.55 -18.35 22.13
N ALA G 28 -19.44 -18.48 20.80
CA ALA G 28 -18.17 -18.27 20.11
C ALA G 28 -17.99 -16.80 19.66
N CYS G 29 -18.95 -16.29 18.91
CA CYS G 29 -18.95 -14.90 18.44
C CYS G 29 -19.81 -13.98 19.32
N SER G 30 -20.12 -14.44 20.54
CA SER G 30 -21.05 -13.74 21.42
C SER G 30 -22.31 -13.25 20.67
N GLY G 31 -22.83 -14.06 19.77
CA GLY G 31 -24.08 -13.75 19.07
C GLY G 31 -23.99 -12.87 17.83
N LYS G 32 -22.84 -12.27 17.59
CA LYS G 32 -22.68 -11.36 16.46
C LYS G 32 -22.67 -12.05 15.10
N GLY G 33 -22.30 -13.32 15.04
CA GLY G 33 -22.27 -14.08 13.79
C GLY G 33 -20.95 -13.90 13.07
N VAL G 34 -20.02 -13.19 13.71
CA VAL G 34 -18.78 -12.75 13.09
C VAL G 34 -17.66 -12.66 14.13
N ILE G 35 -16.41 -12.84 13.69
CA ILE G 35 -15.23 -12.78 14.55
C ILE G 35 -14.28 -11.70 14.03
N LEU G 36 -13.74 -10.87 14.93
CA LEU G 36 -12.83 -9.83 14.49
C LEU G 36 -11.45 -10.36 14.15
N THR G 37 -10.83 -9.70 13.17
CA THR G 37 -9.42 -9.89 12.83
C THR G 37 -8.54 -8.97 13.69
N ALA G 38 -7.23 -9.16 13.63
CA ALA G 38 -6.30 -8.28 14.31
C ALA G 38 -6.51 -6.84 13.86
N GLN G 39 -6.76 -6.64 12.57
CA GLN G 39 -6.97 -5.32 12.02
C GLN G 39 -8.24 -4.72 12.57
N GLY G 40 -9.31 -5.53 12.61
CA GLY G 40 -10.58 -5.08 13.17
C GLY G 40 -10.45 -4.75 14.64
N TYR G 41 -9.73 -5.58 15.39
CA TYR G 41 -9.42 -5.32 16.79
C TYR G 41 -8.66 -4.01 17.01
N THR G 42 -7.63 -3.76 16.22
CA THR G 42 -6.83 -2.56 16.43
C THR G 42 -7.62 -1.28 16.15
N LEU G 43 -8.37 -1.29 15.05
CA LEU G 43 -9.24 -0.17 14.68
C LEU G 43 -10.30 0.13 15.76
N LEU G 44 -10.94 -0.92 16.25
CA LEU G 44 -12.02 -0.81 17.22
C LEU G 44 -11.47 -0.37 18.57
N ASP G 45 -10.32 -0.92 18.96
CA ASP G 45 -9.70 -0.55 20.22
C ASP G 45 -9.29 0.91 20.25
N PHE G 46 -8.72 1.38 19.14
CA PHE G 46 -8.33 2.78 19.01
C PHE G 46 -9.51 3.73 19.18
N ILE G 47 -10.58 3.48 18.41
CA ILE G 47 -11.79 4.29 18.49
C ILE G 47 -12.41 4.27 19.88
N GLN G 48 -12.50 3.10 20.51
CA GLN G 48 -13.07 3.02 21.87
C GLN G 48 -12.23 3.76 22.91
N LYS G 49 -10.92 3.76 22.74
CA LYS G 49 -10.03 4.41 23.71
C LYS G 49 -10.07 5.95 23.61
N HIS G 50 -10.31 6.45 22.40
CA HIS G 50 -10.15 7.87 22.12
C HIS G 50 -11.46 8.62 21.79
N LEU G 51 -12.49 7.89 21.40
CA LEU G 51 -13.76 8.50 21.05
C LEU G 51 -14.25 9.38 22.18
N ASN G 52 -14.33 10.68 21.89
CA ASN G 52 -14.76 11.72 22.83
C ASN G 52 -14.40 11.50 24.31
N LYS G 53 -13.14 11.19 24.55
CA LYS G 53 -12.65 10.91 25.89
C LYS G 53 -11.20 11.38 26.05
N MET H 1 -0.85 -6.20 8.63
CA MET H 1 -2.07 -5.39 8.46
C MET H 1 -1.76 -3.99 7.96
N VAL H 2 -2.70 -3.43 7.21
CA VAL H 2 -2.55 -2.13 6.59
C VAL H 2 -2.38 -1.00 7.62
N ILE H 3 -3.29 -0.92 8.61
CA ILE H 3 -3.19 0.09 9.69
C ILE H 3 -2.97 -0.53 11.08
N ALA H 4 -1.75 -0.41 11.60
CA ALA H 4 -1.45 -0.91 12.95
C ALA H 4 -1.63 0.18 14.00
N THR H 5 -1.53 -0.20 15.29
CA THR H 5 -1.66 0.77 16.39
C THR H 5 -0.59 1.85 16.28
N ASP H 6 0.63 1.45 15.98
CA ASP H 6 1.74 2.38 15.79
C ASP H 6 1.56 3.35 14.63
N ASP H 7 0.60 3.07 13.75
CA ASP H 7 0.25 4.01 12.70
C ASP H 7 -0.73 5.04 13.22
N LEU H 8 -1.34 4.76 14.36
CA LEU H 8 -2.41 5.60 14.93
C LEU H 8 -1.93 6.44 16.12
N GLU H 9 -1.06 5.88 16.97
CA GLU H 9 -0.55 6.61 18.14
C GLU H 9 0.93 6.37 18.32
N VAL H 10 1.60 7.39 18.84
CA VAL H 10 3.01 7.33 19.20
C VAL H 10 3.12 7.06 20.70
N ALA H 11 3.91 6.07 21.09
CA ALA H 11 4.29 5.96 22.49
C ALA H 11 4.96 7.27 22.86
N CYS H 12 4.44 7.95 23.87
CA CYS H 12 5.06 9.17 24.33
C CYS H 12 6.48 8.84 24.78
N PRO H 13 7.49 9.34 24.06
CA PRO H 13 8.87 8.88 24.28
C PRO H 13 9.49 9.38 25.61
N LYS H 14 8.88 10.41 26.20
CA LYS H 14 9.41 11.02 27.40
C LYS H 14 9.17 10.15 28.63
N CYS H 15 8.02 9.48 28.67
CA CYS H 15 7.68 8.66 29.83
C CYS H 15 7.54 7.17 29.55
N GLU H 16 7.90 6.74 28.34
CA GLU H 16 7.78 5.32 27.96
C GLU H 16 6.36 4.78 28.22
N ARG H 17 5.37 5.62 27.92
CA ARG H 17 3.93 5.27 27.95
C ARG H 17 3.29 5.33 29.35
N ALA H 18 4.05 5.77 30.34
CA ALA H 18 3.56 5.85 31.73
C ALA H 18 2.65 7.05 31.96
N GLY H 19 2.88 8.14 31.24
CA GLY H 19 2.11 9.36 31.38
C GLY H 19 2.59 10.21 32.56
N GLU H 20 3.56 9.68 33.30
CA GLU H 20 4.06 10.32 34.51
C GLU H 20 5.58 10.20 34.59
N ILE H 21 6.23 11.33 34.87
CA ILE H 21 7.67 11.35 35.16
C ILE H 21 7.86 11.70 36.62
N GLU H 22 8.51 10.80 37.36
CA GLU H 22 8.85 10.99 38.77
C GLU H 22 7.69 11.61 39.59
N GLY H 23 6.51 10.99 39.48
CA GLY H 23 5.31 11.44 40.20
C GLY H 23 4.52 12.50 39.46
N THR H 24 5.20 13.21 38.58
CA THR H 24 4.71 14.38 37.86
C THR H 24 4.08 14.00 36.52
N PRO H 25 2.93 14.60 36.20
CA PRO H 25 2.28 14.44 34.88
C PRO H 25 3.25 14.81 33.74
N CYS H 26 3.52 13.88 32.83
CA CYS H 26 4.47 14.12 31.73
C CYS H 26 3.95 15.08 30.62
N PRO H 27 4.74 16.13 30.31
CA PRO H 27 4.25 17.28 29.53
C PRO H 27 4.17 17.05 28.02
N ALA H 28 4.75 15.93 27.57
CA ALA H 28 4.90 15.62 26.15
C ALA H 28 3.73 14.83 25.58
N CYS H 29 2.88 14.30 26.46
CA CYS H 29 1.74 13.48 26.04
C CYS H 29 0.49 13.86 26.81
N SER H 30 0.71 14.56 27.92
CA SER H 30 -0.34 15.08 28.80
C SER H 30 -1.11 13.96 29.56
N GLY H 31 -0.36 13.14 30.30
CA GLY H 31 -0.94 12.03 31.06
C GLY H 31 -1.41 10.83 30.27
N LYS H 32 -1.67 11.03 28.96
CA LYS H 32 -2.30 10.02 28.11
C LYS H 32 -1.37 8.84 27.89
N GLY H 33 -0.08 9.15 27.81
CA GLY H 33 0.97 8.15 27.63
C GLY H 33 1.24 7.91 26.16
N VAL H 34 0.52 8.64 25.32
CA VAL H 34 0.37 8.34 23.90
C VAL H 34 -0.01 9.63 23.14
N ILE H 35 0.58 9.84 21.97
CA ILE H 35 0.25 11.00 21.13
C ILE H 35 -0.33 10.50 19.81
N LEU H 36 -1.42 11.10 19.35
CA LEU H 36 -2.04 10.71 18.08
C LEU H 36 -1.31 11.21 16.84
N THR H 37 -1.26 10.35 15.83
CA THR H 37 -0.63 10.69 14.56
C THR H 37 -1.67 11.39 13.72
N ALA H 38 -1.23 11.99 12.62
CA ALA H 38 -2.16 12.52 11.61
C ALA H 38 -3.18 11.47 11.22
N GLN H 39 -2.74 10.21 11.01
CA GLN H 39 -3.65 9.14 10.61
C GLN H 39 -4.69 8.87 11.69
N GLY H 40 -4.26 8.88 12.95
CA GLY H 40 -5.14 8.54 14.05
C GLY H 40 -6.20 9.61 14.27
N TYR H 41 -5.79 10.88 14.15
CA TYR H 41 -6.74 12.00 14.20
C TYR H 41 -7.78 11.94 13.09
N THR H 42 -7.35 11.57 11.89
CA THR H 42 -8.26 11.46 10.75
C THR H 42 -9.38 10.45 11.02
N LEU H 43 -9.02 9.22 11.38
CA LEU H 43 -10.01 8.19 11.71
C LEU H 43 -10.90 8.61 12.86
N LEU H 44 -10.30 9.12 13.93
CA LEU H 44 -11.04 9.49 15.12
C LEU H 44 -11.96 10.67 14.85
N ASP H 45 -11.45 11.69 14.18
CA ASP H 45 -12.28 12.85 13.81
C ASP H 45 -13.45 12.41 12.92
N PHE H 46 -13.17 11.52 11.97
CA PHE H 46 -14.19 11.04 11.05
C PHE H 46 -15.33 10.30 11.79
N ILE H 47 -14.97 9.39 12.70
CA ILE H 47 -15.95 8.70 13.54
C ILE H 47 -16.62 9.65 14.53
N GLN H 48 -15.85 10.55 15.16
CA GLN H 48 -16.40 11.62 15.99
C GLN H 48 -17.56 12.32 15.27
N LYS H 49 -17.28 12.73 14.03
CA LYS H 49 -18.19 13.56 13.24
C LYS H 49 -19.45 12.84 12.80
N HIS H 50 -19.32 11.58 12.40
CA HIS H 50 -20.46 10.86 11.79
C HIS H 50 -21.14 9.81 12.66
N LEU H 51 -20.49 9.36 13.73
CA LEU H 51 -21.08 8.30 14.55
C LEU H 51 -22.31 8.77 15.31
N ASN H 52 -23.33 7.91 15.28
CA ASN H 52 -24.67 8.16 15.83
C ASN H 52 -25.28 9.50 15.41
N LYS H 53 -25.65 9.56 14.12
CA LYS H 53 -26.20 10.78 13.54
C LYS H 53 -26.52 10.59 12.06
N MET I 1 0.43 8.46 4.23
CA MET I 1 -0.76 8.20 5.08
C MET I 1 -1.76 7.30 4.34
N VAL I 2 -1.93 6.08 4.85
CA VAL I 2 -2.69 5.03 4.17
C VAL I 2 -4.10 5.46 3.78
N ILE I 3 -4.86 5.95 4.74
CA ILE I 3 -6.24 6.38 4.45
C ILE I 3 -6.53 7.81 4.94
N ALA I 4 -6.63 8.71 3.98
CA ALA I 4 -6.77 10.13 4.22
C ALA I 4 -8.24 10.52 4.30
N THR I 5 -8.52 11.74 4.76
CA THR I 5 -9.90 12.24 4.81
C THR I 5 -10.61 12.11 3.45
N ASP I 6 -9.88 12.48 2.39
CA ASP I 6 -10.38 12.45 1.01
C ASP I 6 -10.81 11.04 0.58
N ASP I 7 -10.19 10.02 1.21
CA ASP I 7 -10.53 8.62 0.94
C ASP I 7 -11.81 8.19 1.66
N LEU I 8 -12.21 8.96 2.66
CA LEU I 8 -13.42 8.72 3.45
C LEU I 8 -14.61 9.59 3.02
N GLU I 9 -14.39 10.88 2.77
CA GLU I 9 -15.45 11.81 2.35
C GLU I 9 -15.12 12.58 1.08
N VAL I 10 -16.11 12.81 0.25
CA VAL I 10 -15.97 13.73 -0.87
C VAL I 10 -16.63 15.08 -0.53
N ALA I 11 -15.96 16.19 -0.84
CA ALA I 11 -16.59 17.49 -0.70
C ALA I 11 -17.75 17.54 -1.68
N CYS I 12 -18.92 17.92 -1.20
CA CYS I 12 -20.06 18.05 -2.07
C CYS I 12 -19.73 19.10 -3.11
N PRO I 13 -19.77 18.71 -4.39
CA PRO I 13 -19.20 19.55 -5.45
C PRO I 13 -19.98 20.85 -5.70
N LYS I 14 -21.27 20.90 -5.35
CA LYS I 14 -22.05 22.09 -5.63
C LYS I 14 -21.89 23.22 -4.59
N CYS I 15 -21.60 22.85 -3.34
CA CYS I 15 -21.53 23.81 -2.22
C CYS I 15 -20.13 24.00 -1.62
N GLU I 16 -19.20 23.11 -1.99
CA GLU I 16 -17.79 23.17 -1.55
C GLU I 16 -17.60 23.04 -0.03
N ARG I 17 -18.18 21.99 0.54
CA ARG I 17 -18.16 21.75 1.99
C ARG I 17 -18.95 22.74 2.88
N ALA I 18 -19.58 23.74 2.28
CA ALA I 18 -20.28 24.79 3.02
C ALA I 18 -21.58 24.33 3.64
N GLY I 19 -22.20 23.32 3.03
CA GLY I 19 -23.48 22.79 3.49
C GLY I 19 -24.66 23.64 3.12
N GLU I 20 -24.40 24.84 2.61
CA GLU I 20 -25.42 25.81 2.20
C GLU I 20 -25.07 26.47 0.88
N ILE I 21 -26.06 26.63 0.01
CA ILE I 21 -25.92 27.54 -1.12
C ILE I 21 -26.84 28.74 -0.91
N GLU I 22 -26.24 29.92 -0.81
CA GLU I 22 -26.93 31.20 -0.57
C GLU I 22 -28.06 31.14 0.47
N GLY I 23 -27.68 30.80 1.70
CA GLY I 23 -28.63 30.72 2.82
C GLY I 23 -29.38 29.41 2.93
N THR I 24 -29.69 28.79 1.79
CA THR I 24 -30.57 27.64 1.76
C THR I 24 -29.79 26.31 1.77
N PRO I 25 -30.16 25.41 2.67
CA PRO I 25 -29.54 24.08 2.74
C PRO I 25 -29.33 23.53 1.33
N CYS I 26 -28.08 23.21 0.99
CA CYS I 26 -27.67 22.77 -0.35
C CYS I 26 -28.42 21.53 -0.86
N PRO I 27 -29.05 21.66 -2.03
CA PRO I 27 -29.88 20.60 -2.62
C PRO I 27 -29.14 19.31 -2.93
N ALA I 28 -27.84 19.40 -3.20
CA ALA I 28 -27.06 18.27 -3.66
C ALA I 28 -26.72 17.26 -2.57
N CYS I 29 -26.10 17.71 -1.48
CA CYS I 29 -25.68 16.83 -0.37
C CYS I 29 -26.66 17.02 0.78
N SER I 30 -27.49 18.04 0.60
CA SER I 30 -28.43 18.60 1.59
C SER I 30 -27.98 18.69 3.05
N GLY I 31 -26.89 19.43 3.30
CA GLY I 31 -26.47 19.70 4.66
C GLY I 31 -25.07 19.33 5.11
N LYS I 32 -24.71 18.05 5.05
CA LYS I 32 -23.41 17.63 5.60
C LYS I 32 -22.28 18.50 5.03
N GLY I 33 -22.39 18.80 3.74
CA GLY I 33 -21.32 19.45 2.99
C GLY I 33 -20.41 18.42 2.37
N VAL I 34 -20.66 17.16 2.71
CA VAL I 34 -19.79 16.05 2.34
C VAL I 34 -20.57 14.77 2.00
N ILE I 35 -20.00 13.96 1.11
CA ILE I 35 -20.58 12.67 0.73
C ILE I 35 -19.60 11.52 1.04
N LEU I 36 -20.09 10.49 1.74
CA LEU I 36 -19.22 9.39 2.12
C LEU I 36 -18.88 8.49 0.96
N THR I 37 -17.64 7.99 0.95
CA THR I 37 -17.17 7.03 -0.05
C THR I 37 -17.59 5.65 0.40
N ALA I 38 -17.35 4.66 -0.45
CA ALA I 38 -17.56 3.25 -0.07
C ALA I 38 -16.64 2.88 1.10
N GLN I 39 -15.38 3.29 1.02
CA GLN I 39 -14.43 3.10 2.10
C GLN I 39 -14.92 3.70 3.43
N GLY I 40 -15.40 4.95 3.39
CA GLY I 40 -15.98 5.62 4.56
C GLY I 40 -17.19 4.91 5.16
N TYR I 41 -18.12 4.48 4.31
CA TYR I 41 -19.27 3.67 4.76
C TYR I 41 -18.86 2.36 5.41
N THR I 42 -17.82 1.73 4.87
CA THR I 42 -17.35 0.48 5.41
C THR I 42 -16.83 0.59 6.86
N LEU I 43 -15.95 1.55 7.12
CA LEU I 43 -15.45 1.81 8.48
C LEU I 43 -16.57 2.25 9.43
N LEU I 44 -17.46 3.12 8.94
CA LEU I 44 -18.52 3.68 9.77
C LEU I 44 -19.48 2.57 10.17
N ASP I 45 -19.87 1.76 9.18
CA ASP I 45 -20.71 0.59 9.38
C ASP I 45 -20.13 -0.30 10.45
N PHE I 46 -18.86 -0.61 10.29
CA PHE I 46 -18.15 -1.50 11.17
C PHE I 46 -18.20 -0.95 12.60
N ILE I 47 -17.83 0.32 12.78
CA ILE I 47 -17.88 0.95 14.11
C ILE I 47 -19.30 0.96 14.69
N GLN I 48 -20.28 1.43 13.93
CA GLN I 48 -21.68 1.44 14.41
C GLN I 48 -22.14 0.06 14.84
N LYS I 49 -21.75 -0.95 14.08
CA LYS I 49 -22.16 -2.33 14.33
C LYS I 49 -21.50 -3.00 15.54
N HIS I 50 -20.28 -2.57 15.86
CA HIS I 50 -19.45 -3.23 16.87
C HIS I 50 -19.17 -2.39 18.12
N LEU I 51 -19.25 -1.08 18.03
CA LEU I 51 -18.93 -0.22 19.17
C LEU I 51 -19.82 -0.53 20.35
N ASN I 52 -19.19 -0.86 21.47
CA ASN I 52 -19.85 -1.20 22.72
C ASN I 52 -21.31 -1.62 22.58
N LYS I 53 -21.54 -2.66 21.78
CA LYS I 53 -22.89 -3.13 21.53
C LYS I 53 -23.41 -3.97 22.70
N MET J 1 -8.61 -5.62 0.80
CA MET J 1 -7.69 -6.75 0.54
C MET J 1 -6.48 -6.33 -0.30
N VAL J 2 -5.31 -6.60 0.25
CA VAL J 2 -4.03 -6.29 -0.38
C VAL J 2 -3.88 -6.91 -1.77
N ILE J 3 -3.90 -8.26 -1.88
CA ILE J 3 -3.84 -8.92 -3.20
C ILE J 3 -5.05 -9.82 -3.51
N ALA J 4 -5.80 -9.46 -4.56
CA ALA J 4 -7.00 -10.18 -4.96
C ALA J 4 -6.66 -11.26 -5.98
N THR J 5 -7.65 -12.09 -6.31
CA THR J 5 -7.48 -13.07 -7.36
C THR J 5 -7.15 -12.39 -8.70
N ASP J 6 -7.84 -11.27 -8.97
CA ASP J 6 -7.65 -10.50 -10.19
C ASP J 6 -6.29 -9.78 -10.28
N ASP J 7 -5.56 -9.72 -9.15
CA ASP J 7 -4.19 -9.25 -9.14
C ASP J 7 -3.26 -10.37 -9.59
N LEU J 8 -3.76 -11.60 -9.57
CA LEU J 8 -2.92 -12.80 -9.72
C LEU J 8 -3.12 -13.50 -11.06
N GLU J 9 -4.35 -13.52 -11.55
CA GLU J 9 -4.63 -14.10 -12.86
C GLU J 9 -5.71 -13.33 -13.60
N VAL J 10 -5.57 -13.28 -14.92
CA VAL J 10 -6.53 -12.62 -15.81
C VAL J 10 -7.33 -13.68 -16.56
N ALA J 11 -8.62 -13.41 -16.76
CA ALA J 11 -9.48 -14.24 -17.59
C ALA J 11 -8.95 -14.38 -19.02
N CYS J 12 -8.77 -15.62 -19.47
CA CYS J 12 -8.33 -15.88 -20.84
C CYS J 12 -9.32 -15.34 -21.87
N PRO J 13 -8.83 -14.53 -22.82
CA PRO J 13 -9.69 -13.95 -23.88
C PRO J 13 -10.28 -14.96 -24.87
N LYS J 14 -9.57 -16.05 -25.14
CA LYS J 14 -9.99 -17.07 -26.12
C LYS J 14 -11.12 -18.00 -25.65
N CYS J 15 -11.08 -18.42 -24.37
CA CYS J 15 -12.05 -19.39 -23.84
C CYS J 15 -12.94 -18.89 -22.70
N GLU J 16 -12.90 -17.59 -22.43
CA GLU J 16 -13.71 -16.94 -21.39
C GLU J 16 -13.89 -17.79 -20.12
N ARG J 17 -12.75 -18.21 -19.54
CA ARG J 17 -12.68 -18.94 -18.25
C ARG J 17 -12.94 -20.47 -18.33
N ALA J 18 -13.64 -20.93 -19.37
CA ALA J 18 -13.85 -22.37 -19.59
C ALA J 18 -12.51 -22.95 -20.02
N GLY J 19 -12.26 -24.23 -19.79
CA GLY J 19 -10.96 -24.79 -20.15
C GLY J 19 -10.85 -25.26 -21.60
N GLU J 20 -11.98 -25.62 -22.17
CA GLU J 20 -12.01 -26.25 -23.47
C GLU J 20 -12.32 -25.25 -24.58
N ILE J 21 -12.02 -25.63 -25.82
CA ILE J 21 -12.52 -24.95 -27.01
C ILE J 21 -13.06 -26.06 -27.92
N GLU J 22 -14.38 -26.05 -28.14
CA GLU J 22 -15.10 -27.09 -28.92
C GLU J 22 -14.69 -28.55 -28.64
N GLY J 23 -14.18 -28.80 -27.44
CA GLY J 23 -13.74 -30.15 -27.08
C GLY J 23 -12.33 -30.23 -26.55
N THR J 24 -11.38 -29.77 -27.36
CA THR J 24 -9.96 -29.84 -26.99
C THR J 24 -9.56 -28.61 -26.16
N PRO J 25 -8.57 -28.76 -25.27
CA PRO J 25 -8.11 -27.65 -24.45
C PRO J 25 -7.74 -26.46 -25.31
N CYS J 26 -7.97 -25.28 -24.77
CA CYS J 26 -7.76 -24.04 -25.50
C CYS J 26 -6.28 -23.81 -25.78
N PRO J 27 -5.95 -23.57 -27.05
CA PRO J 27 -4.55 -23.35 -27.48
C PRO J 27 -3.83 -22.14 -26.86
N ALA J 28 -4.53 -21.33 -26.05
CA ALA J 28 -3.98 -20.07 -25.53
C ALA J 28 -3.57 -20.11 -24.05
N CYS J 29 -4.52 -20.46 -23.19
CA CYS J 29 -4.29 -20.53 -21.74
C CYS J 29 -3.95 -21.97 -21.33
N SER J 30 -3.72 -22.82 -22.31
CA SER J 30 -3.43 -24.24 -22.10
C SER J 30 -4.31 -24.87 -21.01
N GLY J 31 -5.62 -24.85 -21.25
CA GLY J 31 -6.58 -25.55 -20.39
C GLY J 31 -7.04 -24.85 -19.13
N LYS J 32 -6.22 -23.94 -18.60
CA LYS J 32 -6.50 -23.34 -17.29
C LYS J 32 -7.58 -22.25 -17.29
N GLY J 33 -7.87 -21.68 -18.47
CA GLY J 33 -8.94 -20.68 -18.61
C GLY J 33 -8.53 -19.33 -18.06
N VAL J 34 -7.27 -19.25 -17.62
CA VAL J 34 -6.75 -18.08 -16.94
C VAL J 34 -5.29 -17.88 -17.33
N ILE J 35 -4.83 -16.64 -17.24
CA ILE J 35 -3.44 -16.31 -17.53
C ILE J 35 -2.82 -15.60 -16.31
N LEU J 36 -1.67 -16.08 -15.84
CA LEU J 36 -1.03 -15.48 -14.66
C LEU J 36 -0.42 -14.10 -14.95
N THR J 37 -0.51 -13.24 -13.94
CA THR J 37 0.10 -11.92 -13.99
C THR J 37 1.53 -12.01 -13.47
N ALA J 38 2.31 -10.94 -13.66
CA ALA J 38 3.63 -10.84 -13.06
C ALA J 38 3.59 -11.20 -11.57
N GLN J 39 2.64 -10.61 -10.84
CA GLN J 39 2.53 -10.83 -9.40
C GLN J 39 2.25 -12.27 -9.06
N GLY J 40 1.33 -12.90 -9.79
CA GLY J 40 0.93 -14.29 -9.55
C GLY J 40 2.04 -15.27 -9.87
N TYR J 41 2.76 -14.99 -10.95
CA TYR J 41 3.93 -15.75 -11.33
C TYR J 41 5.01 -15.69 -10.22
N THR J 42 5.23 -14.49 -9.69
CA THR J 42 6.17 -14.25 -8.58
C THR J 42 5.90 -15.12 -7.35
N LEU J 43 4.66 -15.06 -6.87
CA LEU J 43 4.24 -15.89 -5.76
C LEU J 43 4.40 -17.39 -6.00
N LEU J 44 3.99 -17.82 -7.19
CA LEU J 44 3.93 -19.23 -7.53
C LEU J 44 5.35 -19.75 -7.67
N ASP J 45 6.19 -18.97 -8.32
CA ASP J 45 7.62 -19.29 -8.45
C ASP J 45 8.26 -19.50 -7.10
N PHE J 46 8.05 -18.53 -6.21
CA PHE J 46 8.59 -18.56 -4.86
C PHE J 46 8.16 -19.81 -4.13
N ILE J 47 6.86 -20.08 -4.08
CA ILE J 47 6.37 -21.31 -3.45
C ILE J 47 6.95 -22.62 -4.05
N GLN J 48 6.88 -22.78 -5.37
CA GLN J 48 7.47 -23.94 -6.05
C GLN J 48 8.95 -24.15 -5.73
N LYS J 49 9.71 -23.07 -5.57
CA LYS J 49 11.14 -23.18 -5.29
C LYS J 49 11.44 -23.60 -3.86
N HIS J 50 10.63 -23.16 -2.89
CA HIS J 50 10.95 -23.38 -1.46
C HIS J 50 10.06 -24.35 -0.71
N LEU J 51 8.91 -24.67 -1.28
CA LEU J 51 7.93 -25.53 -0.62
C LEU J 51 8.51 -26.91 -0.46
N ASN J 52 8.31 -27.47 0.73
CA ASN J 52 8.80 -28.80 1.11
C ASN J 52 10.30 -28.91 1.00
N LYS J 53 10.98 -27.79 1.26
CA LYS J 53 12.44 -27.77 1.28
C LYS J 53 12.95 -27.62 2.71
N MET K 1 4.20 -3.21 -8.41
CA MET K 1 3.88 -4.59 -7.93
C MET K 1 3.99 -4.67 -6.40
N VAL K 2 2.91 -5.12 -5.75
CA VAL K 2 2.81 -5.20 -4.28
C VAL K 2 3.97 -5.96 -3.63
N ILE K 3 4.18 -7.20 -4.07
CA ILE K 3 5.15 -8.05 -3.42
C ILE K 3 6.04 -8.82 -4.41
N ALA K 4 7.27 -8.33 -4.53
CA ALA K 4 8.25 -8.78 -5.51
C ALA K 4 9.14 -9.87 -4.95
N THR K 5 9.92 -10.52 -5.83
CA THR K 5 10.86 -11.57 -5.43
C THR K 5 11.81 -11.04 -4.36
N ASP K 6 12.33 -9.84 -4.60
CA ASP K 6 13.20 -9.15 -3.66
C ASP K 6 12.58 -8.84 -2.30
N ASP K 7 11.25 -8.87 -2.22
CA ASP K 7 10.52 -8.74 -0.97
C ASP K 7 10.48 -10.07 -0.25
N LEU K 8 10.81 -11.15 -0.95
CA LEU K 8 10.64 -12.53 -0.43
C LEU K 8 11.98 -13.22 -0.15
N GLU K 9 12.96 -13.04 -1.03
CA GLU K 9 14.30 -13.62 -0.87
C GLU K 9 15.35 -12.54 -1.00
N VAL K 10 16.41 -12.68 -0.20
CA VAL K 10 17.57 -11.83 -0.27
C VAL K 10 18.70 -12.72 -0.83
N ALA K 11 19.60 -12.16 -1.64
CA ALA K 11 20.71 -12.95 -2.17
C ALA K 11 21.64 -13.28 -1.02
N CYS K 12 22.17 -14.50 -1.02
CA CYS K 12 23.07 -14.93 0.02
C CYS K 12 24.42 -14.25 -0.16
N PRO K 13 24.93 -13.61 0.89
CA PRO K 13 26.19 -12.87 0.82
C PRO K 13 27.42 -13.78 0.87
N LYS K 14 27.27 -15.00 1.36
CA LYS K 14 28.34 -15.99 1.38
C LYS K 14 28.67 -16.51 -0.03
N CYS K 15 27.66 -17.05 -0.73
CA CYS K 15 27.88 -17.66 -2.02
C CYS K 15 27.38 -16.84 -3.20
N GLU K 16 26.83 -15.65 -2.94
CA GLU K 16 26.31 -14.76 -3.98
C GLU K 16 25.45 -15.48 -5.03
N ARG K 17 24.45 -16.22 -4.54
CA ARG K 17 23.47 -16.98 -5.35
C ARG K 17 23.93 -18.32 -5.98
N ALA K 18 25.21 -18.65 -5.87
CA ALA K 18 25.67 -19.90 -6.50
C ALA K 18 25.10 -21.16 -5.81
N GLY K 19 24.87 -21.06 -4.49
CA GLY K 19 24.45 -22.21 -3.68
C GLY K 19 25.59 -23.13 -3.24
N GLU K 20 26.78 -22.94 -3.80
CA GLU K 20 27.95 -23.78 -3.51
C GLU K 20 29.16 -22.90 -3.20
N ILE K 21 30.00 -23.38 -2.29
CA ILE K 21 31.28 -22.77 -1.97
C ILE K 21 32.34 -23.83 -2.25
N GLU K 22 32.95 -23.74 -3.43
CA GLU K 22 34.04 -24.64 -3.82
C GLU K 22 33.61 -26.11 -3.85
N GLY K 23 32.53 -26.41 -4.53
CA GLY K 23 32.05 -27.79 -4.60
C GLY K 23 30.96 -28.21 -3.62
N THR K 24 31.06 -27.80 -2.35
CA THR K 24 30.08 -28.22 -1.33
C THR K 24 28.97 -27.21 -1.06
N PRO K 25 27.74 -27.69 -0.78
CA PRO K 25 26.59 -26.82 -0.52
C PRO K 25 26.90 -25.74 0.50
N CYS K 26 26.52 -24.51 0.16
CA CYS K 26 26.84 -23.34 0.97
C CYS K 26 26.12 -23.42 2.32
N PRO K 27 26.88 -23.41 3.43
CA PRO K 27 26.31 -23.64 4.76
C PRO K 27 25.50 -22.47 5.33
N ALA K 28 25.68 -21.27 4.76
CA ALA K 28 24.90 -20.12 5.17
C ALA K 28 23.44 -20.32 4.75
N CYS K 29 23.21 -20.38 3.45
CA CYS K 29 21.86 -20.46 2.87
C CYS K 29 21.41 -21.89 2.68
N SER K 30 22.25 -22.84 3.08
CA SER K 30 21.89 -24.24 2.98
C SER K 30 21.63 -24.67 1.53
N GLY K 31 22.50 -24.24 0.61
CA GLY K 31 22.42 -24.66 -0.78
C GLY K 31 21.48 -23.90 -1.69
N LYS K 32 20.56 -23.13 -1.11
CA LYS K 32 19.56 -22.37 -1.88
C LYS K 32 20.12 -21.15 -2.63
N GLY K 33 21.20 -20.56 -2.14
CA GLY K 33 21.77 -19.32 -2.71
C GLY K 33 21.00 -18.05 -2.35
N VAL K 34 20.07 -18.19 -1.42
CA VAL K 34 19.09 -17.16 -1.14
C VAL K 34 18.59 -17.38 0.27
N ILE K 35 18.31 -16.27 0.95
CA ILE K 35 17.84 -16.30 2.34
C ILE K 35 16.48 -15.63 2.40
N LEU K 36 15.50 -16.26 3.05
CA LEU K 36 14.14 -15.74 3.10
C LEU K 36 13.99 -14.57 4.06
N THR K 37 13.15 -13.59 3.69
CA THR K 37 12.76 -12.47 4.56
C THR K 37 11.58 -12.86 5.44
N ALA K 38 11.29 -12.07 6.47
CA ALA K 38 10.12 -12.33 7.31
C ALA K 38 8.86 -12.50 6.46
N GLN K 39 8.72 -11.67 5.43
CA GLN K 39 7.61 -11.74 4.49
C GLN K 39 7.60 -13.10 3.76
N GLY K 40 8.78 -13.57 3.34
CA GLY K 40 8.89 -14.82 2.60
C GLY K 40 8.55 -16.02 3.47
N TYR K 41 9.13 -16.04 4.66
CA TYR K 41 8.83 -17.06 5.65
C TYR K 41 7.32 -17.11 6.00
N THR K 42 6.69 -15.94 6.10
CA THR K 42 5.26 -15.84 6.38
C THR K 42 4.41 -16.56 5.33
N LEU K 43 4.62 -16.21 4.06
CA LEU K 43 3.86 -16.81 2.95
C LEU K 43 4.04 -18.33 2.91
N LEU K 44 5.30 -18.74 2.99
CA LEU K 44 5.70 -20.13 2.90
C LEU K 44 5.14 -20.96 4.05
N ASP K 45 5.17 -20.40 5.25
CA ASP K 45 4.65 -21.08 6.41
C ASP K 45 3.16 -21.32 6.28
N PHE K 46 2.43 -20.27 5.91
CA PHE K 46 1.01 -20.32 5.72
C PHE K 46 0.58 -21.42 4.73
N ILE K 47 1.18 -21.40 3.54
CA ILE K 47 0.99 -22.43 2.53
C ILE K 47 1.32 -23.85 3.03
N GLN K 48 2.49 -24.01 3.65
CA GLN K 48 2.92 -25.32 4.19
C GLN K 48 1.94 -25.92 5.18
N LYS K 49 1.38 -25.10 6.06
CA LYS K 49 0.45 -25.62 7.05
C LYS K 49 -0.98 -25.86 6.53
N HIS K 50 -1.38 -25.13 5.49
CA HIS K 50 -2.76 -25.24 4.98
C HIS K 50 -2.95 -25.93 3.64
N LEU K 51 -1.91 -26.02 2.82
CA LEU K 51 -2.04 -26.62 1.51
C LEU K 51 -2.40 -28.10 1.62
N ASN K 52 -3.41 -28.51 0.86
CA ASN K 52 -3.89 -29.91 0.82
C ASN K 52 -4.29 -30.50 2.16
N LYS K 53 -5.07 -29.77 2.94
CA LYS K 53 -5.54 -30.25 4.25
C LYS K 53 -7.04 -30.10 4.36
N MET L 1 6.28 -5.19 6.18
CA MET L 1 5.63 -6.43 5.69
C MET L 1 4.19 -6.11 5.30
N VAL L 2 3.94 -6.14 4.00
CA VAL L 2 2.65 -5.77 3.44
C VAL L 2 1.52 -6.75 3.82
N ILE L 3 1.82 -8.05 3.86
CA ILE L 3 0.83 -9.04 4.30
C ILE L 3 1.39 -10.00 5.41
N ALA L 4 0.85 -9.85 6.63
CA ALA L 4 1.33 -10.57 7.81
C ALA L 4 0.52 -11.82 8.04
N THR L 5 0.95 -12.66 8.98
CA THR L 5 0.21 -13.87 9.31
C THR L 5 -1.21 -13.57 9.72
N ASP L 6 -1.39 -12.51 10.51
CA ASP L 6 -2.71 -12.12 10.99
C ASP L 6 -3.60 -11.54 9.90
N ASP L 7 -3.00 -11.20 8.76
CA ASP L 7 -3.78 -10.84 7.57
C ASP L 7 -4.37 -12.11 6.96
N LEU L 8 -3.71 -13.25 7.22
CA LEU L 8 -4.04 -14.55 6.61
C LEU L 8 -4.88 -15.47 7.50
N GLU L 9 -4.53 -15.58 8.77
CA GLU L 9 -5.24 -16.44 9.72
C GLU L 9 -5.71 -15.66 10.93
N VAL L 10 -6.92 -15.98 11.39
CA VAL L 10 -7.46 -15.52 12.65
C VAL L 10 -7.37 -16.65 13.67
N ALA L 11 -6.96 -16.30 14.89
CA ALA L 11 -6.93 -17.23 16.02
C ALA L 11 -8.35 -17.70 16.34
N CYS L 12 -8.51 -19.01 16.51
CA CYS L 12 -9.81 -19.62 16.75
C CYS L 12 -10.42 -19.19 18.10
N PRO L 13 -11.68 -18.77 18.11
CA PRO L 13 -12.30 -18.28 19.34
C PRO L 13 -12.77 -19.40 20.25
N LYS L 14 -12.94 -20.60 19.68
CA LYS L 14 -13.42 -21.74 20.45
C LYS L 14 -12.30 -22.45 21.22
N CYS L 15 -11.12 -22.52 20.60
CA CYS L 15 -10.00 -23.28 21.15
C CYS L 15 -8.71 -22.47 21.37
N GLU L 16 -8.76 -21.17 21.10
CA GLU L 16 -7.62 -20.27 21.25
C GLU L 16 -6.28 -20.88 20.82
N ARG L 17 -6.24 -21.30 19.56
CA ARG L 17 -5.06 -21.90 18.89
C ARG L 17 -4.67 -23.33 19.26
N ALA L 18 -5.49 -24.03 20.06
CA ALA L 18 -5.16 -25.40 20.51
C ALA L 18 -5.51 -26.52 19.52
N GLY L 19 -6.62 -26.38 18.80
CA GLY L 19 -7.03 -27.38 17.81
C GLY L 19 -7.88 -28.54 18.33
N GLU L 20 -8.06 -28.62 19.65
CA GLU L 20 -8.93 -29.65 20.22
C GLU L 20 -9.65 -29.18 21.50
N ILE L 21 -10.88 -29.66 21.67
CA ILE L 21 -11.67 -29.37 22.85
C ILE L 21 -11.93 -30.67 23.61
N GLU L 22 -11.33 -30.79 24.79
CA GLU L 22 -11.56 -31.97 25.62
C GLU L 22 -10.90 -33.23 25.06
N GLY L 23 -10.12 -33.06 24.00
CA GLY L 23 -9.49 -34.21 23.34
C GLY L 23 -10.04 -34.48 21.96
N THR L 24 -11.28 -34.07 21.73
CA THR L 24 -11.91 -34.26 20.42
C THR L 24 -11.62 -33.09 19.49
N PRO L 25 -11.49 -33.38 18.19
CA PRO L 25 -11.24 -32.35 17.20
C PRO L 25 -12.17 -31.17 17.42
N CYS L 26 -11.59 -29.97 17.43
CA CYS L 26 -12.34 -28.73 17.60
C CYS L 26 -13.18 -28.46 16.35
N PRO L 27 -14.51 -28.53 16.47
CA PRO L 27 -15.41 -28.46 15.31
C PRO L 27 -15.47 -27.09 14.63
N ALA L 28 -14.97 -26.06 15.30
CA ALA L 28 -14.97 -24.70 14.79
C ALA L 28 -13.88 -24.50 13.72
N CYS L 29 -12.64 -24.81 14.07
CA CYS L 29 -11.51 -24.64 13.15
C CYS L 29 -11.03 -25.99 12.60
N SER L 30 -11.81 -27.04 12.85
CA SER L 30 -11.50 -28.40 12.40
C SER L 30 -10.03 -28.78 12.60
N GLY L 31 -9.58 -28.76 13.85
CA GLY L 31 -8.23 -29.21 14.22
C GLY L 31 -7.10 -28.21 14.05
N LYS L 32 -7.29 -27.19 13.22
CA LYS L 32 -6.21 -26.27 12.87
C LYS L 32 -5.86 -25.21 13.93
N GLY L 33 -6.81 -24.84 14.77
CA GLY L 33 -6.60 -23.80 15.78
C GLY L 33 -6.68 -22.39 15.20
N VAL L 34 -7.07 -22.31 13.93
CA VAL L 34 -6.98 -21.08 13.19
C VAL L 34 -8.10 -21.03 12.14
N ILE L 35 -8.52 -19.82 11.77
CA ILE L 35 -9.54 -19.63 10.74
C ILE L 35 -8.96 -18.75 9.63
N LEU L 36 -9.18 -19.12 8.37
CA LEU L 36 -8.60 -18.36 7.28
C LEU L 36 -9.43 -17.13 6.98
N THR L 37 -8.78 -16.04 6.59
CA THR L 37 -9.49 -14.84 6.18
C THR L 37 -9.76 -14.92 4.67
N ALA L 38 -10.45 -13.93 4.13
CA ALA L 38 -10.64 -13.83 2.71
C ALA L 38 -9.28 -13.83 1.95
N GLN L 39 -8.34 -13.01 2.43
CA GLN L 39 -6.99 -12.94 1.89
C GLN L 39 -6.28 -14.30 1.92
N GLY L 40 -6.34 -14.98 3.06
CA GLY L 40 -5.72 -16.29 3.23
C GLY L 40 -6.28 -17.28 2.24
N TYR L 41 -7.61 -17.34 2.14
CA TYR L 41 -8.29 -18.17 1.15
C TYR L 41 -7.83 -17.87 -0.27
N THR L 42 -7.71 -16.58 -0.60
CA THR L 42 -7.29 -16.17 -1.94
C THR L 42 -5.94 -16.78 -2.32
N LEU L 43 -4.94 -16.58 -1.45
CA LEU L 43 -3.60 -17.12 -1.67
C LEU L 43 -3.59 -18.64 -1.76
N LEU L 44 -4.38 -19.28 -0.91
CA LEU L 44 -4.36 -20.72 -0.76
C LEU L 44 -4.97 -21.35 -2.00
N ASP L 45 -6.07 -20.77 -2.46
CA ASP L 45 -6.75 -21.23 -3.67
C ASP L 45 -5.92 -21.05 -4.90
N PHE L 46 -5.34 -19.86 -5.06
CA PHE L 46 -4.46 -19.59 -6.18
C PHE L 46 -3.36 -20.66 -6.31
N ILE L 47 -2.65 -20.89 -5.21
CA ILE L 47 -1.53 -21.83 -5.16
C ILE L 47 -2.01 -23.25 -5.38
N GLN L 48 -3.09 -23.63 -4.72
CA GLN L 48 -3.67 -24.96 -4.87
C GLN L 48 -4.12 -25.24 -6.30
N LYS L 49 -4.57 -24.18 -6.98
CA LYS L 49 -5.04 -24.26 -8.35
C LYS L 49 -3.92 -24.41 -9.38
N HIS L 50 -2.79 -23.76 -9.15
CA HIS L 50 -1.75 -23.63 -10.17
C HIS L 50 -0.48 -24.39 -9.87
N LEU L 51 -0.24 -24.69 -8.61
CA LEU L 51 1.00 -25.32 -8.19
C LEU L 51 1.17 -26.66 -8.88
N ASN L 52 2.35 -26.87 -9.46
CA ASN L 52 2.73 -28.12 -10.15
C ASN L 52 1.77 -28.52 -11.26
N LYS L 53 1.10 -27.53 -11.85
CA LYS L 53 0.12 -27.76 -12.92
C LYS L 53 0.54 -27.05 -14.20
ZN ZN M . -27.13 12.89 -9.40
ZN ZN N . 10.21 23.95 -18.54
ZN ZN O . -1.11 -12.34 -28.28
ZN ZN P . 21.05 18.23 -14.63
ZN ZN Q . 8.48 20.62 22.32
ZN ZN R . 25.00 -14.14 11.07
ZN ZN S . -20.93 -17.71 16.24
ZN ZN T . 4.61 11.05 28.43
ZN ZN U . -23.69 20.49 -0.92
ZN ZN V . -8.12 -20.11 -23.08
ZN ZN W . 24.90 -19.13 0.24
ZN ZN X . -10.94 -24.34 17.13
#